data_8C3W
#
_entry.id   8C3W
#
_cell.length_a   51.752
_cell.length_b   65.159
_cell.length_c   70.204
_cell.angle_alpha   90.000
_cell.angle_beta   90.000
_cell.angle_gamma   90.000
#
_symmetry.space_group_name_H-M   'P 21 21 21'
#
loop_
_entity.id
_entity.type
_entity.pdbx_description
1 polymer dnHEM1
2 non-polymer IMIDAZOLE
3 non-polymer 'PROTOPORPHYRIN IX CONTAINING FE'
4 non-polymer (4S)-2-METHYL-2,4-PENTANEDIOL
5 non-polymer 'PHOSPHATE ION'
6 non-polymer DI(HYDROXYETHYL)ETHER
7 non-polymer 1,2-ETHANEDIOL
8 water water
#
_entity_poly.entity_id   1
_entity_poly.type   'polypeptide(L)'
_entity_poly.pdbx_seq_one_letter_code
;MVSLDQAILILVVAAKLGTTVEEAVKRALWLKTKLGVSLDQALRILSAAANTGTTVEEAVKRALKLKTKLGVSLEAALAI
LSAAAQLGTTVEEAVKRALKLKTKLGVDLETAALALLTAAKLGTTVEEAVKRALKLKTKLGVSLIEALHILLTAAVLGTT
VEEAVYRALKLKTKLGVSLLQAAAILILAARLGTTVEEAVKRALKLKTKLGGGSGGSHHWGSGSHHHHHH
;
_entity_poly.pdbx_strand_id   A
#
# COMPACT_ATOMS: atom_id res chain seq x y z
N VAL A 2 -9.22 -15.26 -7.31
CA VAL A 2 -8.27 -14.24 -6.91
C VAL A 2 -6.91 -14.87 -6.63
N SER A 3 -5.85 -14.08 -6.79
CA SER A 3 -4.53 -14.55 -6.38
C SER A 3 -4.36 -14.36 -4.87
N LEU A 4 -3.27 -14.92 -4.34
CA LEU A 4 -2.97 -14.73 -2.92
C LEU A 4 -2.73 -13.25 -2.63
N ASP A 5 -2.05 -12.54 -3.53
CA ASP A 5 -1.85 -11.10 -3.36
CA ASP A 5 -1.85 -11.10 -3.31
C ASP A 5 -3.19 -10.38 -3.21
N GLN A 6 -4.13 -10.68 -4.11
CA GLN A 6 -5.40 -9.99 -4.09
C GLN A 6 -6.20 -10.33 -2.85
N ALA A 7 -6.17 -11.59 -2.44
CA ALA A 7 -6.91 -12.00 -1.24
C ALA A 7 -6.39 -11.24 -0.03
N ILE A 8 -5.08 -11.13 0.09
CA ILE A 8 -4.49 -10.39 1.22
C ILE A 8 -4.93 -8.93 1.17
N LEU A 9 -4.81 -8.31 0.00
CA LEU A 9 -5.19 -6.91 -0.10
C LEU A 9 -6.67 -6.67 0.16
N ILE A 10 -7.56 -7.56 -0.28
CA ILE A 10 -8.98 -7.38 0.04
C ILE A 10 -9.16 -7.28 1.54
N LEU A 11 -8.49 -8.18 2.26
CA LEU A 11 -8.63 -8.17 3.71
C LEU A 11 -8.02 -6.93 4.33
N VAL A 12 -6.89 -6.47 3.80
CA VAL A 12 -6.28 -5.25 4.31
C VAL A 12 -7.22 -4.06 4.10
N VAL A 13 -7.77 -3.94 2.90
CA VAL A 13 -8.60 -2.77 2.68
CA VAL A 13 -8.66 -2.82 2.60
C VAL A 13 -9.89 -2.85 3.49
N ALA A 14 -10.43 -4.06 3.74
CA ALA A 14 -11.61 -4.18 4.60
C ALA A 14 -11.30 -3.66 5.99
N ALA A 15 -10.14 -4.05 6.49
CA ALA A 15 -9.70 -3.56 7.80
C ALA A 15 -9.49 -2.06 7.79
N LYS A 16 -8.88 -1.52 6.73
CA LYS A 16 -8.67 -0.07 6.67
C LYS A 16 -9.98 0.70 6.62
N LEU A 17 -10.97 0.18 5.90
CA LEU A 17 -12.24 0.90 5.77
C LEU A 17 -13.19 0.63 6.92
N GLY A 18 -12.91 -0.40 7.71
CA GLY A 18 -13.82 -0.79 8.77
C GLY A 18 -15.07 -1.43 8.25
N THR A 19 -15.05 -2.01 7.05
CA THR A 19 -16.21 -2.72 6.53
C THR A 19 -16.09 -4.22 6.79
N THR A 20 -17.16 -4.95 6.51
CA THR A 20 -17.03 -6.38 6.47
C THR A 20 -16.19 -6.80 5.24
N VAL A 21 -15.70 -8.05 5.25
CA VAL A 21 -14.98 -8.56 4.09
C VAL A 21 -15.89 -8.66 2.88
N GLU A 22 -17.10 -9.19 3.06
CA GLU A 22 -18.01 -9.26 1.93
C GLU A 22 -18.27 -7.87 1.36
N GLU A 23 -18.37 -6.85 2.22
CA GLU A 23 -18.63 -5.52 1.72
CA GLU A 23 -18.64 -5.53 1.69
C GLU A 23 -17.45 -5.00 0.90
N ALA A 24 -16.23 -5.30 1.34
CA ALA A 24 -15.04 -4.87 0.59
C ALA A 24 -15.01 -5.53 -0.79
N VAL A 25 -15.30 -6.83 -0.83
CA VAL A 25 -15.33 -7.54 -2.12
C VAL A 25 -16.34 -6.91 -3.04
N LYS A 26 -17.54 -6.67 -2.52
CA LYS A 26 -18.59 -6.11 -3.36
C LYS A 26 -18.28 -4.68 -3.78
N ARG A 27 -17.64 -3.90 -2.91
CA ARG A 27 -17.25 -2.56 -3.34
C ARG A 27 -16.25 -2.64 -4.47
N ALA A 28 -15.27 -3.55 -4.35
CA ALA A 28 -14.24 -3.66 -5.38
C ALA A 28 -14.85 -4.05 -6.72
N LEU A 29 -15.76 -5.02 -6.73
CA LEU A 29 -16.43 -5.43 -7.98
C LEU A 29 -17.32 -4.32 -8.52
N TRP A 30 -17.97 -3.58 -7.63
CA TRP A 30 -18.76 -2.43 -8.05
C TRP A 30 -17.89 -1.39 -8.74
N LEU A 31 -16.72 -1.06 -8.16
CA LEU A 31 -15.84 -0.10 -8.82
C LEU A 31 -15.35 -0.61 -10.16
N LYS A 32 -15.06 -1.92 -10.25
CA LYS A 32 -14.63 -2.49 -11.53
C LYS A 32 -15.68 -2.27 -12.60
N THR A 33 -16.94 -2.57 -12.26
CA THR A 33 -18.04 -2.47 -13.21
C THR A 33 -18.34 -1.03 -13.58
N LYS A 34 -18.45 -0.16 -12.57
CA LYS A 34 -18.88 1.21 -12.85
C LYS A 34 -17.78 2.04 -13.46
N LEU A 35 -16.51 1.75 -13.17
CA LEU A 35 -15.43 2.58 -13.65
C LEU A 35 -14.60 1.92 -14.72
N GLY A 36 -14.74 0.60 -14.88
CA GLY A 36 -13.96 -0.12 -15.87
C GLY A 36 -12.52 -0.28 -15.46
N VAL A 37 -12.26 -0.38 -14.16
CA VAL A 37 -10.90 -0.53 -13.66
C VAL A 37 -10.63 -1.98 -13.32
N SER A 38 -9.35 -2.30 -13.13
CA SER A 38 -8.96 -3.61 -12.66
C SER A 38 -9.27 -3.76 -11.16
N LEU A 39 -9.25 -5.01 -10.69
CA LEU A 39 -9.36 -5.28 -9.26
C LEU A 39 -8.26 -4.56 -8.49
N ASP A 40 -7.03 -4.56 -9.02
CA ASP A 40 -5.95 -3.89 -8.29
C ASP A 40 -6.26 -2.41 -8.15
N GLN A 41 -6.77 -1.80 -9.22
CA GLN A 41 -7.09 -0.37 -9.18
C GLN A 41 -8.23 -0.10 -8.21
N ALA A 42 -9.26 -0.96 -8.22
CA ALA A 42 -10.36 -0.83 -7.28
C ALA A 42 -9.85 -0.91 -5.84
N LEU A 43 -8.93 -1.82 -5.56
CA LEU A 43 -8.39 -1.94 -4.21
C LEU A 43 -7.56 -0.72 -3.84
N ARG A 44 -6.81 -0.17 -4.81
CA ARG A 44 -6.07 1.06 -4.56
C ARG A 44 -7.02 2.22 -4.25
N ILE A 45 -8.17 2.26 -4.93
CA ILE A 45 -9.17 3.30 -4.66
C ILE A 45 -9.68 3.19 -3.22
N LEU A 46 -10.06 1.98 -2.80
CA LEU A 46 -10.56 1.77 -1.46
C LEU A 46 -9.49 2.09 -0.42
N SER A 47 -8.26 1.67 -0.67
CA SER A 47 -7.16 1.99 0.24
C SER A 47 -6.95 3.50 0.36
N ALA A 48 -6.98 4.23 -0.77
CA ALA A 48 -6.76 5.67 -0.75
C ALA A 48 -7.93 6.39 -0.06
N ALA A 49 -9.16 5.87 -0.20
CA ALA A 49 -10.31 6.42 0.55
C ALA A 49 -10.05 6.37 2.04
N ALA A 50 -9.55 5.22 2.51
CA ALA A 50 -9.19 5.09 3.90
C ALA A 50 -8.02 5.99 4.26
N ASN A 51 -7.01 6.07 3.39
CA ASN A 51 -5.81 6.86 3.71
C ASN A 51 -6.17 8.33 3.85
N THR A 52 -7.15 8.79 3.08
CA THR A 52 -7.46 10.21 3.02
C THR A 52 -8.65 10.58 3.89
N GLY A 53 -9.33 9.60 4.45
CA GLY A 53 -10.51 9.88 5.25
C GLY A 53 -11.68 10.42 4.46
N THR A 54 -11.76 10.11 3.18
CA THR A 54 -12.88 10.54 2.36
C THR A 54 -13.78 9.37 1.98
N THR A 55 -14.99 9.68 1.53
CA THR A 55 -15.80 8.60 0.98
C THR A 55 -15.16 8.07 -0.29
N VAL A 56 -15.52 6.82 -0.65
CA VAL A 56 -14.99 6.26 -1.91
C VAL A 56 -15.34 7.19 -3.08
N GLU A 57 -16.55 7.75 -3.09
CA GLU A 57 -16.96 8.62 -4.18
C GLU A 57 -16.06 9.83 -4.29
N GLU A 58 -15.75 10.46 -3.16
CA GLU A 58 -14.89 11.64 -3.15
C GLU A 58 -13.47 11.27 -3.58
N ALA A 59 -12.97 10.10 -3.17
CA ALA A 59 -11.62 9.71 -3.56
C ALA A 59 -11.53 9.52 -5.06
N VAL A 60 -12.54 8.88 -5.64
CA VAL A 60 -12.55 8.69 -7.10
C VAL A 60 -12.60 10.05 -7.80
N LYS A 61 -13.51 10.92 -7.37
CA LYS A 61 -13.59 12.23 -8.00
C LYS A 61 -12.23 12.94 -7.97
N ARG A 62 -11.57 12.98 -6.82
CA ARG A 62 -10.31 13.71 -6.69
C ARG A 62 -9.21 13.02 -7.47
N ALA A 63 -9.20 11.69 -7.49
CA ALA A 63 -8.16 10.99 -8.25
C ALA A 63 -8.31 11.21 -9.75
N LEU A 64 -9.54 11.15 -10.26
CA LEU A 64 -9.72 11.32 -11.70
C LEU A 64 -9.37 12.74 -12.13
N LYS A 65 -9.72 13.72 -11.30
CA LYS A 65 -9.31 15.10 -11.55
C LYS A 65 -7.80 15.24 -11.59
N LEU A 66 -7.12 14.67 -10.61
CA LEU A 66 -5.68 14.79 -10.58
C LEU A 66 -5.06 14.06 -11.76
N LYS A 67 -5.53 12.85 -12.02
CA LYS A 67 -4.98 12.06 -13.10
C LYS A 67 -5.05 12.83 -14.40
N THR A 68 -6.15 13.55 -14.63
CA THR A 68 -6.34 14.27 -15.87
C THR A 68 -5.54 15.56 -15.88
N LYS A 69 -5.58 16.32 -14.78
CA LYS A 69 -4.85 17.58 -14.73
C LYS A 69 -3.37 17.36 -14.98
N LEU A 70 -2.81 16.29 -14.43
CA LEU A 70 -1.38 16.04 -14.52
C LEU A 70 -0.99 15.09 -15.63
N GLY A 71 -1.95 14.35 -16.17
CA GLY A 71 -1.63 13.33 -17.14
C GLY A 71 -0.80 12.20 -16.59
N VAL A 72 -1.19 11.70 -15.42
CA VAL A 72 -0.49 10.61 -14.76
C VAL A 72 -1.43 9.43 -14.60
N SER A 73 -0.85 8.31 -14.14
CA SER A 73 -1.65 7.11 -13.93
C SER A 73 -2.63 7.28 -12.77
N LEU A 74 -3.70 6.49 -12.82
CA LEU A 74 -4.62 6.45 -11.69
C LEU A 74 -3.87 6.06 -10.43
N GLU A 75 -3.00 5.06 -10.55
CA GLU A 75 -2.21 4.59 -9.42
C GLU A 75 -1.40 5.71 -8.79
N ALA A 76 -0.67 6.47 -9.63
CA ALA A 76 0.08 7.61 -9.13
C ALA A 76 -0.85 8.63 -8.48
N ALA A 77 -1.99 8.94 -9.09
CA ALA A 77 -2.87 9.95 -8.50
C ALA A 77 -3.35 9.53 -7.10
N LEU A 78 -3.69 8.25 -6.94
CA LEU A 78 -4.18 7.76 -5.66
C LEU A 78 -3.07 7.76 -4.62
N ALA A 79 -1.85 7.41 -5.04
CA ALA A 79 -0.72 7.48 -4.12
C ALA A 79 -0.44 8.91 -3.68
N ILE A 80 -0.56 9.89 -4.59
CA ILE A 80 -0.33 11.29 -4.24
C ILE A 80 -1.39 11.77 -3.25
N LEU A 81 -2.67 11.43 -3.52
CA LEU A 81 -3.73 11.78 -2.56
C LEU A 81 -3.42 11.20 -1.20
N SER A 82 -3.02 9.94 -1.16
CA SER A 82 -2.66 9.31 0.10
C SER A 82 -1.51 10.03 0.79
N ALA A 83 -0.45 10.39 0.05
CA ALA A 83 0.69 11.04 0.65
C ALA A 83 0.31 12.39 1.22
N ALA A 84 -0.54 13.13 0.50
CA ALA A 84 -0.96 14.44 0.98
C ALA A 84 -1.71 14.35 2.30
N ALA A 85 -2.62 13.39 2.40
CA ALA A 85 -3.36 13.20 3.65
C ALA A 85 -2.42 12.79 4.78
N GLN A 86 -1.53 11.84 4.54
CA GLN A 86 -0.63 11.39 5.61
C GLN A 86 0.32 12.51 6.03
N LEU A 87 0.69 13.39 5.11
CA LEU A 87 1.57 14.49 5.44
C LEU A 87 0.83 15.71 5.99
N GLY A 88 -0.50 15.70 5.94
CA GLY A 88 -1.28 16.82 6.40
C GLY A 88 -1.13 18.03 5.52
N THR A 89 -1.09 17.85 4.21
CA THR A 89 -0.88 18.98 3.32
C THR A 89 -1.86 18.94 2.14
N THR A 90 -1.80 19.97 1.33
CA THR A 90 -2.65 20.02 0.14
C THR A 90 -2.11 19.08 -0.93
N VAL A 91 -2.96 18.72 -1.89
CA VAL A 91 -2.51 17.90 -3.01
C VAL A 91 -1.43 18.62 -3.82
N GLU A 92 -1.59 19.92 -4.02
CA GLU A 92 -0.60 20.66 -4.80
C GLU A 92 0.77 20.58 -4.14
N GLU A 93 0.82 20.72 -2.82
CA GLU A 93 2.08 20.60 -2.09
C GLU A 93 2.68 19.20 -2.26
N ALA A 94 1.86 18.15 -2.10
CA ALA A 94 2.37 16.81 -2.30
C ALA A 94 2.88 16.59 -3.72
N VAL A 95 2.20 17.15 -4.72
CA VAL A 95 2.68 17.02 -6.09
C VAL A 95 4.05 17.66 -6.25
N LYS A 96 4.24 18.85 -5.66
CA LYS A 96 5.53 19.52 -5.75
C LYS A 96 6.64 18.66 -5.16
N ARG A 97 6.37 18.09 -3.98
CA ARG A 97 7.35 17.24 -3.34
C ARG A 97 7.63 16.01 -4.18
N ALA A 98 6.57 15.45 -4.77
CA ALA A 98 6.72 14.22 -5.53
C ALA A 98 7.54 14.47 -6.79
N LEU A 99 7.27 15.58 -7.49
CA LEU A 99 8.05 15.94 -8.68
C LEU A 99 9.52 16.20 -8.35
N LYS A 100 9.79 16.88 -7.23
CA LYS A 100 11.17 17.06 -6.81
C LYS A 100 11.86 15.72 -6.63
N LEU A 101 11.20 14.80 -5.91
CA LEU A 101 11.82 13.52 -5.63
C LEU A 101 11.97 12.70 -6.89
N LYS A 102 10.97 12.75 -7.75
CA LYS A 102 11.03 12.02 -9.00
C LYS A 102 12.25 12.42 -9.80
N THR A 103 12.55 13.72 -9.81
CA THR A 103 13.69 14.24 -10.55
C THR A 103 15.00 13.84 -9.89
N LYS A 104 15.09 13.96 -8.57
CA LYS A 104 16.35 13.66 -7.90
C LYS A 104 16.72 12.19 -8.04
N LEU A 105 15.73 11.30 -7.90
CA LEU A 105 15.97 9.87 -7.94
C LEU A 105 15.86 9.28 -9.33
N GLY A 106 15.15 9.94 -10.24
CA GLY A 106 14.93 9.37 -11.56
C GLY A 106 13.90 8.28 -11.55
N VAL A 107 12.90 8.38 -10.67
CA VAL A 107 11.85 7.40 -10.54
C VAL A 107 10.56 7.98 -11.10
N ASP A 108 9.57 7.11 -11.26
CA ASP A 108 8.26 7.54 -11.71
C ASP A 108 7.50 8.15 -10.54
N LEU A 109 6.41 8.83 -10.87
CA LEU A 109 5.68 9.60 -9.88
C LEU A 109 5.02 8.71 -8.84
N GLU A 110 4.54 7.55 -9.24
CA GLU A 110 3.95 6.64 -8.25
C GLU A 110 4.97 6.23 -7.20
N THR A 111 6.18 5.89 -7.65
CA THR A 111 7.23 5.49 -6.72
C THR A 111 7.58 6.62 -5.78
N ALA A 112 7.66 7.85 -6.32
CA ALA A 112 7.96 9.01 -5.50
C ALA A 112 6.89 9.23 -4.46
N ALA A 113 5.64 9.05 -4.86
CA ALA A 113 4.53 9.23 -3.94
C ALA A 113 4.52 8.14 -2.89
N LEU A 114 4.80 6.90 -3.30
CA LEU A 114 4.94 5.87 -2.30
C LEU A 114 6.04 6.22 -1.31
N ALA A 115 7.16 6.76 -1.80
CA ALA A 115 8.23 7.08 -0.86
C ALA A 115 7.78 8.17 0.12
N LEU A 116 7.02 9.16 -0.36
CA LEU A 116 6.59 10.24 0.53
C LEU A 116 5.62 9.71 1.57
N LEU A 117 4.70 8.85 1.14
CA LEU A 117 3.73 8.26 2.04
C LEU A 117 4.43 7.40 3.09
N THR A 118 5.38 6.59 2.65
CA THR A 118 6.07 5.68 3.55
C THR A 118 6.85 6.45 4.59
N ALA A 119 7.58 7.47 4.15
CA ALA A 119 8.35 8.30 5.06
C ALA A 119 7.45 8.97 6.10
N ALA A 120 6.32 9.51 5.67
CA ALA A 120 5.40 10.17 6.61
C ALA A 120 4.92 9.17 7.64
N LYS A 121 4.56 7.98 7.19
CA LYS A 121 4.09 6.97 8.12
C LYS A 121 5.19 6.47 9.03
N LEU A 122 6.43 6.37 8.52
CA LEU A 122 7.57 5.94 9.30
C LEU A 122 8.01 7.02 10.28
N GLY A 123 7.62 8.26 10.04
CA GLY A 123 8.05 9.34 10.91
C GLY A 123 9.44 9.84 10.59
N THR A 124 9.82 9.79 9.33
CA THR A 124 11.17 10.19 8.95
CA THR A 124 11.17 10.17 8.95
C THR A 124 11.11 11.14 7.76
N THR A 125 12.17 11.92 7.58
CA THR A 125 12.25 12.67 6.34
C THR A 125 12.26 11.69 5.16
N VAL A 126 11.86 12.16 3.99
CA VAL A 126 11.82 11.24 2.86
C VAL A 126 13.24 10.88 2.41
N GLU A 127 14.20 11.79 2.60
CA GLU A 127 15.57 11.44 2.26
C GLU A 127 16.09 10.29 3.12
N GLU A 128 15.73 10.27 4.42
CA GLU A 128 16.17 9.21 5.31
C GLU A 128 15.48 7.89 4.93
N ALA A 129 14.18 7.95 4.63
CA ALA A 129 13.48 6.75 4.18
C ALA A 129 14.08 6.21 2.90
N VAL A 130 14.37 7.08 1.93
CA VAL A 130 14.96 6.60 0.69
C VAL A 130 16.35 6.02 0.94
N LYS A 131 17.14 6.64 1.81
CA LYS A 131 18.44 6.07 2.14
C LYS A 131 18.30 4.65 2.70
N ARG A 132 17.39 4.46 3.65
CA ARG A 132 17.21 3.14 4.22
C ARG A 132 16.71 2.16 3.16
N ALA A 133 15.82 2.62 2.28
CA ALA A 133 15.29 1.71 1.26
C ALA A 133 16.38 1.28 0.30
N LEU A 134 17.21 2.23 -0.11
CA LEU A 134 18.31 1.89 -1.00
C LEU A 134 19.30 0.94 -0.32
N LYS A 135 19.51 1.08 0.98
CA LYS A 135 20.33 0.10 1.70
C LYS A 135 19.69 -1.29 1.61
N LEU A 136 18.37 -1.37 1.76
CA LEU A 136 17.74 -2.68 1.63
C LEU A 136 17.93 -3.23 0.23
N LYS A 137 17.79 -2.35 -0.78
CA LYS A 137 17.92 -2.76 -2.17
C LYS A 137 19.27 -3.41 -2.41
N THR A 138 20.34 -2.77 -1.94
CA THR A 138 21.69 -3.27 -2.24
C THR A 138 22.00 -4.51 -1.41
N LYS A 139 21.56 -4.54 -0.16
CA LYS A 139 21.91 -5.67 0.71
C LYS A 139 21.03 -6.88 0.47
N LEU A 140 19.77 -6.71 0.08
CA LEU A 140 18.86 -7.84 -0.11
C LEU A 140 18.61 -8.14 -1.59
N GLY A 141 18.99 -7.25 -2.49
CA GLY A 141 18.73 -7.48 -3.88
C GLY A 141 17.27 -7.35 -4.26
N VAL A 142 16.52 -6.50 -3.56
CA VAL A 142 15.12 -6.28 -3.86
C VAL A 142 15.00 -5.01 -4.68
N SER A 143 13.82 -4.79 -5.26
CA SER A 143 13.57 -3.53 -5.94
C SER A 143 13.35 -2.39 -4.95
N LEU A 144 13.42 -1.15 -5.44
CA LEU A 144 13.06 -0.02 -4.59
C LEU A 144 11.61 -0.14 -4.14
N ILE A 145 10.71 -0.58 -5.03
CA ILE A 145 9.32 -0.71 -4.63
C ILE A 145 9.18 -1.72 -3.50
N GLU A 146 9.91 -2.83 -3.60
CA GLU A 146 9.86 -3.84 -2.56
C GLU A 146 10.40 -3.31 -1.25
N ALA A 147 11.55 -2.61 -1.31
CA ALA A 147 12.14 -2.02 -0.12
C ALA A 147 11.18 -1.03 0.53
N LEU A 148 10.48 -0.23 -0.28
CA LEU A 148 9.54 0.69 0.34
C LEU A 148 8.39 -0.03 1.01
N HIS A 149 7.94 -1.16 0.46
CA HIS A 149 6.90 -1.88 1.17
C HIS A 149 7.41 -2.44 2.51
N ILE A 150 8.67 -2.83 2.58
CA ILE A 150 9.23 -3.24 3.86
C ILE A 150 9.24 -2.07 4.83
N LEU A 151 9.63 -0.87 4.38
CA LEU A 151 9.55 0.27 5.28
CA LEU A 151 9.55 0.28 5.27
C LEU A 151 8.12 0.51 5.73
N LEU A 152 7.16 0.34 4.81
CA LEU A 152 5.76 0.54 5.12
C LEU A 152 5.31 -0.47 6.16
N THR A 153 5.81 -1.71 6.04
CA THR A 153 5.58 -2.72 7.05
C THR A 153 6.12 -2.29 8.41
N ALA A 154 7.35 -1.85 8.45
CA ALA A 154 7.89 -1.32 9.69
C ALA A 154 6.99 -0.23 10.24
N ALA A 155 6.54 0.66 9.37
CA ALA A 155 5.75 1.82 9.81
C ALA A 155 4.46 1.34 10.45
N VAL A 156 3.78 0.38 9.82
CA VAL A 156 2.50 -0.12 10.33
C VAL A 156 2.72 -1.00 11.56
N LEU A 157 3.81 -1.77 11.59
CA LEU A 157 4.00 -2.65 12.73
C LEU A 157 4.58 -1.89 13.92
N GLY A 158 5.42 -0.89 13.68
CA GLY A 158 6.05 -0.11 14.75
C GLY A 158 7.35 -0.73 15.18
N THR A 159 8.17 -1.10 14.21
CA THR A 159 9.46 -1.70 14.50
C THR A 159 10.51 -1.00 13.66
N THR A 160 11.76 -1.29 13.96
CA THR A 160 12.83 -0.89 13.08
C THR A 160 12.67 -1.57 11.71
N VAL A 161 13.25 -0.95 10.69
CA VAL A 161 13.29 -1.60 9.39
C VAL A 161 13.99 -2.96 9.50
N GLU A 162 15.07 -3.05 10.26
CA GLU A 162 15.79 -4.31 10.38
CA GLU A 162 15.79 -4.31 10.38
C GLU A 162 14.89 -5.41 10.94
N GLU A 163 14.04 -5.08 11.91
CA GLU A 163 13.12 -6.05 12.48
C GLU A 163 12.02 -6.45 11.49
N ALA A 164 11.49 -5.48 10.75
CA ALA A 164 10.50 -5.81 9.72
C ALA A 164 11.13 -6.72 8.67
N VAL A 165 12.37 -6.43 8.28
CA VAL A 165 13.10 -7.27 7.35
C VAL A 165 13.19 -8.70 7.90
N TYR A 166 13.68 -8.82 9.15
CA TYR A 166 13.76 -10.10 9.85
C TYR A 166 12.45 -10.87 9.78
N ARG A 167 11.35 -10.23 10.20
CA ARG A 167 10.07 -10.93 10.25
C ARG A 167 9.62 -11.32 8.85
N ALA A 168 9.79 -10.43 7.86
CA ALA A 168 9.30 -10.73 6.52
C ALA A 168 10.11 -11.87 5.90
N LEU A 169 11.44 -11.86 6.07
CA LEU A 169 12.25 -12.94 5.53
C LEU A 169 11.92 -14.27 6.20
N LYS A 170 11.67 -14.26 7.51
CA LYS A 170 11.26 -15.47 8.21
C LYS A 170 9.96 -16.03 7.64
N LEU A 171 8.98 -15.14 7.41
CA LEU A 171 7.71 -15.60 6.85
C LEU A 171 7.90 -16.12 5.43
N LYS A 172 8.71 -15.42 4.65
CA LYS A 172 9.01 -15.82 3.29
C LYS A 172 9.52 -17.25 3.27
N THR A 173 10.48 -17.56 4.15
CA THR A 173 11.06 -18.89 4.14
C THR A 173 10.10 -19.92 4.70
N LYS A 174 9.40 -19.56 5.77
CA LYS A 174 8.52 -20.52 6.41
C LYS A 174 7.34 -20.89 5.54
N LEU A 175 6.79 -19.93 4.79
CA LEU A 175 5.58 -20.15 4.02
C LEU A 175 5.82 -20.31 2.52
N GLY A 176 7.01 -19.98 2.04
CA GLY A 176 7.26 -20.02 0.62
C GLY A 176 6.53 -18.93 -0.14
N VAL A 177 6.24 -17.81 0.52
CA VAL A 177 5.60 -16.68 -0.12
C VAL A 177 6.65 -15.73 -0.67
N SER A 178 6.22 -14.77 -1.49
CA SER A 178 7.12 -13.72 -1.93
C SER A 178 7.37 -12.74 -0.78
N LEU A 179 8.38 -11.88 -0.97
CA LEU A 179 8.63 -10.84 0.03
C LEU A 179 7.47 -9.86 0.14
N LEU A 180 6.89 -9.46 -0.98
CA LEU A 180 5.72 -8.58 -0.91
C LEU A 180 4.55 -9.26 -0.21
N GLN A 181 4.34 -10.56 -0.47
CA GLN A 181 3.28 -11.26 0.26
C GLN A 181 3.56 -11.32 1.75
N ALA A 182 4.81 -11.58 2.14
CA ALA A 182 5.16 -11.62 3.56
C ALA A 182 4.91 -10.28 4.21
N ALA A 183 5.34 -9.18 3.56
CA ALA A 183 5.10 -7.84 4.09
C ALA A 183 3.61 -7.60 4.28
N ALA A 184 2.84 -7.94 3.25
CA ALA A 184 1.41 -7.69 3.27
C ALA A 184 0.69 -8.53 4.35
N ILE A 185 1.13 -9.76 4.58
CA ILE A 185 0.53 -10.57 5.64
C ILE A 185 0.82 -9.95 7.01
N LEU A 186 2.04 -9.49 7.20
CA LEU A 186 2.41 -8.83 8.46
C LEU A 186 1.57 -7.59 8.69
N ILE A 187 1.44 -6.76 7.65
CA ILE A 187 0.55 -5.60 7.72
C ILE A 187 -0.86 -6.05 8.06
N LEU A 188 -1.35 -7.10 7.40
CA LEU A 188 -2.72 -7.57 7.66
C LEU A 188 -2.90 -7.99 9.11
N ALA A 189 -1.97 -8.78 9.63
CA ALA A 189 -2.06 -9.22 11.02
C ALA A 189 -2.09 -8.01 11.96
N ALA A 190 -1.31 -6.98 11.67
CA ALA A 190 -1.39 -5.77 12.50
C ALA A 190 -2.74 -5.09 12.39
N ARG A 191 -3.22 -4.88 11.17
CA ARG A 191 -4.48 -4.18 11.01
C ARG A 191 -5.67 -4.97 11.56
N LEU A 192 -5.55 -6.28 11.66
CA LEU A 192 -6.56 -7.10 12.29
C LEU A 192 -6.36 -7.29 13.79
N GLY A 193 -5.24 -6.84 14.36
CA GLY A 193 -4.97 -7.06 15.77
C GLY A 193 -4.82 -8.52 16.13
N THR A 194 -4.14 -9.29 15.29
CA THR A 194 -4.15 -10.73 15.47
C THR A 194 -2.77 -11.30 15.11
N THR A 195 -2.67 -12.63 15.23
CA THR A 195 -1.45 -13.36 14.92
C THR A 195 -1.27 -13.43 13.42
N VAL A 196 -0.03 -13.65 13.01
CA VAL A 196 0.25 -13.90 11.61
C VAL A 196 -0.46 -15.17 11.14
N GLU A 197 -0.49 -16.20 11.99
CA GLU A 197 -1.19 -17.44 11.64
C GLU A 197 -2.65 -17.18 11.27
N GLU A 198 -3.35 -16.37 12.05
CA GLU A 198 -4.75 -16.06 11.78
C GLU A 198 -4.89 -15.26 10.49
N ALA A 199 -3.99 -14.29 10.28
CA ALA A 199 -4.01 -13.50 9.04
C ALA A 199 -3.87 -14.41 7.83
N VAL A 200 -2.86 -15.27 7.82
CA VAL A 200 -2.68 -16.22 6.73
C VAL A 200 -3.93 -17.07 6.53
N LYS A 201 -4.43 -17.65 7.61
CA LYS A 201 -5.63 -18.49 7.52
C LYS A 201 -6.77 -17.74 6.83
N ARG A 202 -7.01 -16.48 7.22
CA ARG A 202 -8.09 -15.72 6.62
C ARG A 202 -7.85 -15.46 5.14
N ALA A 203 -6.61 -15.14 4.76
CA ALA A 203 -6.33 -14.88 3.34
C ALA A 203 -6.61 -16.12 2.49
N LEU A 204 -6.18 -17.29 2.97
CA LEU A 204 -6.41 -18.53 2.24
C LEU A 204 -7.88 -18.89 2.17
N LYS A 205 -8.62 -18.69 3.26
CA LYS A 205 -10.04 -18.97 3.22
C LYS A 205 -10.77 -18.05 2.26
N LEU A 206 -10.39 -16.76 2.24
CA LEU A 206 -11.06 -15.85 1.32
C LEU A 206 -10.77 -16.27 -0.11
N LYS A 207 -9.52 -16.65 -0.38
CA LYS A 207 -9.15 -17.05 -1.73
C LYS A 207 -9.99 -18.24 -2.17
N THR A 208 -10.12 -19.24 -1.30
CA THR A 208 -10.95 -20.40 -1.63
C THR A 208 -12.40 -20.01 -1.86
N LYS A 209 -12.95 -19.17 -0.97
CA LYS A 209 -14.32 -18.73 -1.11
C LYS A 209 -14.54 -17.99 -2.43
N LEU A 210 -13.52 -17.33 -2.96
CA LEU A 210 -13.66 -16.54 -4.16
C LEU A 210 -13.27 -17.31 -5.43
N GLY A 211 -12.96 -18.60 -5.31
CA GLY A 211 -12.69 -19.42 -6.47
C GLY A 211 -11.36 -20.14 -6.48
N GLY A 212 -10.41 -19.78 -5.60
CA GLY A 212 -9.11 -20.44 -5.56
C GLY A 212 -8.01 -19.62 -6.21
#